data_5ZCM
#
_entry.id   5ZCM
#
_cell.length_a   99.590
_cell.length_b   108.220
_cell.length_c   71.820
_cell.angle_alpha   90.000
_cell.angle_beta   90.000
_cell.angle_gamma   90.000
#
_symmetry.space_group_name_H-M   'C 2 2 21'
#
loop_
_entity.id
_entity.type
_entity.pdbx_description
1 polymer 'Aldose reductase'
2 non-polymer 'NADPH DIHYDRO-NICOTINAMIDE-ADENINE-DINUCLEOTIDE PHOSPHATE'
3 non-polymer 2,3-DIHYDROXY-1,4-DITHIOBUTANE
4 water water
#
_entity_poly.entity_id   1
_entity_poly.type   'polypeptide(L)'
_entity_poly.pdbx_seq_one_letter_code
;MGSSHHHHHHSSGLVPRGSHMMSIKLNSGYEMPLVGFGCWKVDNATCADTVYNAIKVGYRLFDAAMDYGNCKEIGEGINR
ALDEGLVARDELFITSKLWNSYHDPKNVELALKKVLSDMKLDYIDLFLIHFPIAFKFVPFEEKYPPAFYCGDGDNFHYED
VPLLETWKAMEKLTKGGKAKSIGISNFSAALIYDLLRGAEIKPAVLQIEHHPYLQQPRLIEYVQSQGIAITAYSSFGPQS
FLELKHSKALDTPTLFEHKTITSIADKYKKTPAQVLLRWASQRDIAIIPKSNNPDRLLQNLEVNDFNLSKEDFDEISKLD
QDLRFNNPWDWDTKNRIPIFA
;
_entity_poly.pdbx_strand_id   A
#
loop_
_chem_comp.id
_chem_comp.type
_chem_comp.name
_chem_comp.formula
DTT non-polymer 2,3-DIHYDROXY-1,4-DITHIOBUTANE 'C4 H10 O2 S2'
NDP non-polymer 'NADPH DIHYDRO-NICOTINAMIDE-ADENINE-DINUCLEOTIDE PHOSPHATE' 'C21 H30 N7 O17 P3'
#
# COMPACT_ATOMS: atom_id res chain seq x y z
N GLY A 13 -0.58 14.20 23.18
CA GLY A 13 -0.99 12.77 23.39
C GLY A 13 -2.06 12.61 24.45
N LEU A 14 -2.79 13.69 24.77
CA LEU A 14 -3.83 13.66 25.80
C LEU A 14 -5.14 14.31 25.37
N VAL A 15 -5.26 14.75 24.12
CA VAL A 15 -6.51 15.33 23.64
C VAL A 15 -7.41 14.20 23.17
N PRO A 16 -8.64 14.07 23.72
CA PRO A 16 -9.50 12.93 23.36
C PRO A 16 -10.27 13.17 22.07
N ARG A 17 -9.51 13.34 20.98
CA ARG A 17 -10.07 13.31 19.63
C ARG A 17 -9.26 12.35 18.79
N GLY A 18 -9.88 11.92 17.69
CA GLY A 18 -9.17 11.09 16.74
C GLY A 18 -7.96 11.81 16.17
N SER A 19 -6.95 11.04 15.79
CA SER A 19 -5.66 11.60 15.39
C SER A 19 -4.92 10.59 14.54
N HIS A 20 -3.72 10.98 14.11
CA HIS A 20 -2.84 10.11 13.33
C HIS A 20 -2.21 9.01 14.16
N MET A 21 -2.43 8.98 15.48
CA MET A 21 -1.91 7.89 16.30
C MET A 21 -2.79 6.64 16.27
N MET A 22 -4.00 6.72 15.73
CA MET A 22 -4.89 5.57 15.79
C MET A 22 -4.32 4.44 14.95
N SER A 23 -4.61 3.21 15.38
CA SER A 23 -4.03 2.03 14.74
C SER A 23 -5.06 0.92 14.65
N ILE A 24 -4.71 -0.07 13.83
CA ILE A 24 -5.45 -1.31 13.69
C ILE A 24 -4.62 -2.43 14.30
N LYS A 25 -5.24 -3.26 15.12
CA LYS A 25 -4.57 -4.45 15.63
C LYS A 25 -4.65 -5.57 14.59
N LEU A 26 -3.49 -5.98 14.08
CA LEU A 26 -3.43 -7.04 13.09
C LEU A 26 -3.60 -8.40 13.76
N ASN A 27 -4.00 -9.38 12.95
CA ASN A 27 -4.23 -10.73 13.42
C ASN A 27 -2.93 -11.42 13.81
N SER A 28 -1.78 -10.79 13.52
CA SER A 28 -0.47 -11.24 13.99
C SER A 28 -0.16 -10.73 15.38
N GLY A 29 -0.98 -9.82 15.91
CA GLY A 29 -0.78 -9.28 17.23
C GLY A 29 -0.14 -7.92 17.26
N TYR A 30 0.36 -7.43 16.12
CA TYR A 30 1.01 -6.15 16.04
C TYR A 30 0.03 -5.06 15.61
N GLU A 31 0.31 -3.85 16.07
CA GLU A 31 -0.49 -2.69 15.70
C GLU A 31 0.07 -2.06 14.43
N MET A 32 -0.83 -1.66 13.52
CA MET A 32 -0.47 -0.95 12.30
C MET A 32 -1.12 0.43 12.28
N PRO A 33 -0.36 1.52 12.13
CA PRO A 33 -0.99 2.85 12.05
C PRO A 33 -2.01 2.95 10.93
N LEU A 34 -3.11 3.61 11.26
CA LEU A 34 -4.17 3.80 10.29
C LEU A 34 -3.78 4.76 9.16
N VAL A 35 -2.85 5.69 9.42
CA VAL A 35 -2.41 6.69 8.45
C VAL A 35 -0.91 6.60 8.31
N GLY A 36 -0.42 6.43 7.09
CA GLY A 36 0.99 6.34 6.82
C GLY A 36 1.35 7.16 5.59
N PHE A 37 2.63 7.10 5.23
CA PHE A 37 3.17 7.85 4.11
C PHE A 37 3.48 6.92 2.93
N GLY A 38 2.86 7.19 1.78
CA GLY A 38 3.10 6.36 0.59
C GLY A 38 4.34 6.84 -0.15
N CYS A 39 5.14 5.87 -0.62
CA CYS A 39 6.46 6.16 -1.16
C CYS A 39 6.57 5.98 -2.66
N TRP A 40 5.51 5.53 -3.35
CA TRP A 40 5.53 5.43 -4.81
C TRP A 40 5.69 6.82 -5.45
N LYS A 41 6.69 6.94 -6.32
CA LYS A 41 7.01 8.16 -7.07
C LYS A 41 7.47 9.30 -6.16
N VAL A 42 7.93 8.97 -4.95
CA VAL A 42 8.67 9.93 -4.14
C VAL A 42 10.09 10.00 -4.68
N ASP A 43 10.48 11.19 -5.16
CA ASP A 43 11.67 11.33 -6.00
C ASP A 43 12.94 10.95 -5.26
N ASN A 44 13.83 10.20 -5.94
CA ASN A 44 15.03 9.67 -5.30
C ASN A 44 15.90 10.78 -4.73
N ALA A 45 16.06 11.87 -5.48
CA ALA A 45 17.00 12.91 -5.04
C ALA A 45 16.61 13.50 -3.69
N THR A 46 15.33 13.57 -3.39
CA THR A 46 14.85 14.24 -2.18
C THR A 46 14.16 13.28 -1.22
N CYS A 47 14.14 11.99 -1.54
CA CYS A 47 13.32 11.04 -0.79
C CYS A 47 13.73 10.94 0.69
N ALA A 48 15.04 10.86 0.96
CA ALA A 48 15.51 10.76 2.34
C ALA A 48 15.05 11.96 3.16
N ASP A 49 15.21 13.18 2.61
CA ASP A 49 14.76 14.37 3.32
C ASP A 49 13.26 14.34 3.53
N THR A 50 12.51 13.92 2.52
CA THR A 50 11.07 13.85 2.65
C THR A 50 10.66 12.88 3.74
N VAL A 51 11.31 11.71 3.81
CA VAL A 51 10.93 10.73 4.80
C VAL A 51 11.29 11.20 6.19
N TYR A 52 12.45 11.83 6.33
CA TYR A 52 12.89 12.34 7.62
C TYR A 52 11.93 13.40 8.13
N ASN A 53 11.54 14.34 7.26
CA ASN A 53 10.62 15.39 7.67
CA ASN A 53 10.61 15.39 7.65
C ASN A 53 9.22 14.83 7.94
N ALA A 54 8.80 13.79 7.22
CA ALA A 54 7.53 13.15 7.52
C ALA A 54 7.54 12.55 8.93
N ILE A 55 8.63 11.91 9.31
CA ILE A 55 8.79 11.42 10.67
C ILE A 55 8.72 12.60 11.65
N LYS A 56 9.38 13.70 11.33
CA LYS A 56 9.34 14.87 12.22
C LYS A 56 7.90 15.35 12.41
N VAL A 57 7.13 15.35 11.33
CA VAL A 57 5.76 15.84 11.32
C VAL A 57 4.83 14.87 12.03
N GLY A 58 5.22 13.60 12.14
CA GLY A 58 4.48 12.67 12.94
C GLY A 58 4.11 11.38 12.25
N TYR A 59 4.48 11.21 10.98
CA TYR A 59 4.24 9.95 10.30
C TYR A 59 5.08 8.84 10.93
N ARG A 60 4.46 7.67 11.10
CA ARG A 60 5.14 6.52 11.65
C ARG A 60 5.12 5.30 10.74
N LEU A 61 4.20 5.23 9.80
CA LEU A 61 4.15 4.14 8.83
C LEU A 61 4.64 4.64 7.49
N PHE A 62 5.51 3.83 6.85
CA PHE A 62 6.02 4.12 5.52
C PHE A 62 5.76 2.94 4.61
N ASP A 63 5.16 3.22 3.46
CA ASP A 63 4.73 2.17 2.54
C ASP A 63 5.71 2.16 1.36
N ALA A 64 6.66 1.24 1.43
CA ALA A 64 7.72 1.06 0.45
C ALA A 64 7.43 -0.19 -0.41
N ALA A 65 8.27 -0.41 -1.43
CA ALA A 65 8.20 -1.61 -2.25
C ALA A 65 9.50 -1.79 -3.01
N MET A 66 9.89 -3.06 -3.22
CA MET A 66 11.04 -3.34 -4.08
C MET A 66 10.93 -2.62 -5.42
N ASP A 67 9.71 -2.51 -5.97
CA ASP A 67 9.52 -1.93 -7.30
C ASP A 67 9.80 -0.43 -7.34
N TYR A 68 9.77 0.24 -6.20
CA TYR A 68 9.73 1.70 -6.23
C TYR A 68 11.09 2.34 -6.46
N GLY A 69 12.18 1.63 -6.15
CA GLY A 69 13.51 2.07 -6.52
C GLY A 69 14.08 3.14 -5.63
N ASN A 70 13.43 3.43 -4.50
CA ASN A 70 13.90 4.43 -3.55
C ASN A 70 14.11 3.83 -2.16
N CYS A 71 14.30 2.51 -2.09
CA CYS A 71 14.43 1.84 -0.80
C CYS A 71 15.62 2.35 0.00
N LYS A 72 16.76 2.59 -0.65
CA LYS A 72 17.93 3.06 0.09
C LYS A 72 17.68 4.45 0.66
N GLU A 73 17.05 5.32 -0.12
CA GLU A 73 16.81 6.67 0.31
C GLU A 73 15.80 6.69 1.45
N ILE A 74 14.77 5.86 1.38
CA ILE A 74 13.84 5.72 2.48
C ILE A 74 14.60 5.29 3.75
N GLY A 75 15.49 4.31 3.62
CA GLY A 75 16.26 3.87 4.75
C GLY A 75 17.15 4.96 5.31
N GLU A 76 17.75 5.76 4.44
CA GLU A 76 18.57 6.87 4.95
C GLU A 76 17.76 7.83 5.78
N GLY A 77 16.53 8.14 5.34
CA GLY A 77 15.69 9.05 6.09
C GLY A 77 15.28 8.47 7.43
N ILE A 78 14.91 7.19 7.44
CA ILE A 78 14.56 6.51 8.68
C ILE A 78 15.74 6.55 9.64
N ASN A 79 16.90 6.13 9.16
CA ASN A 79 18.04 5.97 10.05
C ASN A 79 18.59 7.30 10.52
N ARG A 80 18.33 8.38 9.79
CA ARG A 80 18.65 9.70 10.30
C ARG A 80 17.81 10.01 11.53
N ALA A 81 16.50 9.77 11.43
CA ALA A 81 15.62 10.06 12.56
C ALA A 81 15.94 9.16 13.74
N LEU A 82 16.34 7.91 13.47
CA LEU A 82 16.71 7.01 14.56
C LEU A 82 18.01 7.46 15.22
N ASP A 83 18.98 7.88 14.40
CA ASP A 83 20.26 8.33 14.94
C ASP A 83 20.10 9.59 15.79
N GLU A 84 19.19 10.48 15.41
CA GLU A 84 18.94 11.68 16.19
C GLU A 84 18.03 11.43 17.37
N GLY A 85 17.54 10.21 17.55
CA GLY A 85 16.58 9.92 18.59
C GLY A 85 15.22 10.56 18.45
N LEU A 86 14.80 10.94 17.24
CA LEU A 86 13.46 11.50 17.07
C LEU A 86 12.40 10.45 17.29
N VAL A 87 12.76 9.18 17.12
CA VAL A 87 11.81 8.08 17.22
C VAL A 87 12.64 6.84 17.50
N ALA A 88 12.02 5.86 18.13
CA ALA A 88 12.61 4.53 18.29
C ALA A 88 12.12 3.63 17.15
N ARG A 89 12.92 2.60 16.85
CA ARG A 89 12.59 1.73 15.72
C ARG A 89 11.22 1.09 15.91
N ASP A 90 10.90 0.71 17.15
CA ASP A 90 9.63 0.01 17.36
C ASP A 90 8.43 0.94 17.28
N GLU A 91 8.63 2.25 17.13
CA GLU A 91 7.55 3.18 16.87
C GLU A 91 7.24 3.30 15.38
N LEU A 92 8.10 2.80 14.54
CA LEU A 92 7.96 2.89 13.10
C LEU A 92 7.35 1.60 12.58
N PHE A 93 6.57 1.71 11.50
CA PHE A 93 5.97 0.55 10.87
C PHE A 93 6.37 0.62 9.41
N ILE A 94 7.29 -0.25 9.00
CA ILE A 94 7.84 -0.23 7.65
C ILE A 94 7.26 -1.39 6.86
N THR A 95 6.62 -1.06 5.74
CA THR A 95 6.04 -2.03 4.83
C THR A 95 6.90 -2.11 3.59
N SER A 96 7.16 -3.31 3.11
CA SER A 96 7.70 -3.45 1.77
C SER A 96 6.91 -4.54 1.07
N LYS A 97 7.22 -4.75 -0.21
CA LYS A 97 6.44 -5.63 -1.06
C LYS A 97 7.36 -6.43 -1.96
N LEU A 98 7.10 -7.74 -2.02
CA LEU A 98 7.78 -8.70 -2.89
C LEU A 98 7.36 -8.48 -4.34
N TRP A 99 8.32 -8.14 -5.20
CA TRP A 99 7.95 -7.88 -6.58
C TRP A 99 7.68 -9.19 -7.32
N ASN A 100 7.03 -9.05 -8.48
CA ASN A 100 6.57 -10.18 -9.28
C ASN A 100 7.70 -11.11 -9.71
N SER A 101 8.92 -10.58 -9.84
CA SER A 101 10.05 -11.39 -10.28
C SER A 101 10.50 -12.44 -9.26
N TYR A 102 10.00 -12.37 -8.03
CA TYR A 102 10.59 -13.10 -6.90
C TYR A 102 9.56 -14.03 -6.24
N HIS A 103 8.61 -14.56 -7.01
CA HIS A 103 7.59 -15.43 -6.45
C HIS A 103 8.06 -16.87 -6.26
N ASP A 104 9.09 -17.29 -6.97
CA ASP A 104 9.63 -18.62 -6.72
C ASP A 104 10.07 -18.73 -5.26
N PRO A 105 9.62 -19.76 -4.52
CA PRO A 105 9.93 -19.79 -3.08
C PRO A 105 11.40 -19.62 -2.77
N LYS A 106 12.28 -20.14 -3.62
CA LYS A 106 13.71 -20.05 -3.38
C LYS A 106 14.21 -18.62 -3.42
N ASN A 107 13.45 -17.70 -4.04
CA ASN A 107 13.84 -16.30 -4.16
C ASN A 107 13.14 -15.37 -3.17
N VAL A 108 12.23 -15.87 -2.36
CA VAL A 108 11.46 -15.01 -1.47
C VAL A 108 12.31 -14.49 -0.32
N GLU A 109 13.07 -15.38 0.31
CA GLU A 109 13.95 -14.93 1.40
C GLU A 109 15.04 -14.02 0.85
N LEU A 110 15.55 -14.33 -0.33
CA LEU A 110 16.53 -13.49 -0.98
C LEU A 110 16.00 -12.09 -1.12
N ALA A 111 14.75 -11.99 -1.55
CA ALA A 111 14.15 -10.67 -1.76
C ALA A 111 14.04 -9.90 -0.45
N LEU A 112 13.62 -10.57 0.62
CA LEU A 112 13.52 -9.84 1.88
C LEU A 112 14.90 -9.35 2.33
N LYS A 113 15.92 -10.21 2.19
CA LYS A 113 17.27 -9.81 2.60
C LYS A 113 17.74 -8.61 1.80
N LYS A 114 17.38 -8.55 0.51
CA LYS A 114 17.71 -7.39 -0.32
C LYS A 114 17.07 -6.13 0.24
N VAL A 115 15.79 -6.19 0.58
CA VAL A 115 15.11 -5.03 1.17
C VAL A 115 15.82 -4.56 2.43
N LEU A 116 16.12 -5.48 3.33
CA LEU A 116 16.75 -5.11 4.59
C LEU A 116 18.14 -4.52 4.36
N SER A 117 18.88 -5.10 3.43
CA SER A 117 20.20 -4.57 3.09
C SER A 117 20.09 -3.16 2.54
N ASP A 118 19.21 -2.94 1.56
CA ASP A 118 19.05 -1.60 0.98
C ASP A 118 18.60 -0.60 2.03
N MET A 119 17.60 -0.95 2.84
CA MET A 119 17.04 0.01 3.77
C MET A 119 17.85 0.12 5.04
N LYS A 120 18.86 -0.75 5.22
CA LYS A 120 19.68 -0.82 6.42
C LYS A 120 18.78 -0.89 7.67
N LEU A 121 17.95 -1.93 7.67
CA LEU A 121 17.07 -2.26 8.77
C LEU A 121 17.29 -3.73 9.14
N ASP A 122 17.00 -4.05 10.40
CA ASP A 122 17.11 -5.42 10.89
C ASP A 122 15.87 -6.24 10.57
N TYR A 123 14.73 -5.58 10.43
CA TYR A 123 13.47 -6.26 10.17
C TYR A 123 12.56 -5.25 9.52
N ILE A 124 11.54 -5.75 8.81
CA ILE A 124 10.43 -4.90 8.41
C ILE A 124 9.17 -5.38 9.11
N ASP A 125 8.22 -4.46 9.25
CA ASP A 125 6.98 -4.75 9.97
C ASP A 125 5.97 -5.52 9.13
N LEU A 126 6.01 -5.35 7.81
CA LEU A 126 5.00 -5.97 6.96
C LEU A 126 5.60 -6.22 5.58
N PHE A 127 5.58 -7.47 5.14
CA PHE A 127 6.03 -7.85 3.79
C PHE A 127 4.82 -8.39 3.03
N LEU A 128 4.51 -7.75 1.90
CA LEU A 128 3.34 -8.06 1.08
C LEU A 128 3.77 -8.70 -0.24
N ILE A 129 3.01 -9.70 -0.69
CA ILE A 129 3.07 -10.10 -2.10
C ILE A 129 2.47 -8.97 -2.92
N HIS A 130 3.28 -8.30 -3.74
CA HIS A 130 2.83 -7.05 -4.38
C HIS A 130 1.68 -7.30 -5.35
N PHE A 131 1.75 -8.38 -6.11
CA PHE A 131 0.71 -8.74 -7.07
C PHE A 131 0.60 -10.25 -7.16
N PRO A 132 -0.58 -10.79 -7.54
CA PRO A 132 -0.71 -12.22 -7.83
C PRO A 132 -0.24 -12.53 -9.25
N ILE A 133 1.01 -12.14 -9.52
CA ILE A 133 1.64 -12.20 -10.83
C ILE A 133 3.06 -12.66 -10.60
N ALA A 134 3.51 -13.66 -11.36
CA ALA A 134 4.83 -14.28 -11.22
C ALA A 134 5.63 -14.09 -12.52
N PHE A 135 6.49 -13.08 -12.52
CA PHE A 135 7.45 -12.85 -13.61
C PHE A 135 8.65 -13.78 -13.51
N LYS A 136 9.24 -14.10 -14.65
CA LYS A 136 10.54 -14.75 -14.69
C LYS A 136 11.54 -13.98 -13.85
N PHE A 137 12.28 -14.70 -13.01
CA PHE A 137 13.28 -14.10 -12.15
C PHE A 137 14.36 -13.39 -12.97
N VAL A 138 14.77 -12.23 -12.48
CA VAL A 138 15.90 -11.48 -13.01
C VAL A 138 16.86 -11.23 -11.84
N PRO A 139 18.15 -11.54 -11.98
CA PRO A 139 19.08 -11.33 -10.86
C PRO A 139 19.21 -9.86 -10.50
N PHE A 140 19.43 -9.60 -9.20
CA PHE A 140 19.52 -8.23 -8.71
C PHE A 140 20.58 -7.46 -9.48
N GLU A 141 21.70 -8.12 -9.79
CA GLU A 141 22.81 -7.42 -10.41
C GLU A 141 22.60 -7.22 -11.90
N GLU A 142 21.60 -7.88 -12.48
CA GLU A 142 21.26 -7.63 -13.87
C GLU A 142 20.36 -6.39 -14.00
N LYS A 143 19.36 -6.26 -13.13
CA LYS A 143 18.49 -5.09 -13.14
C LYS A 143 17.77 -5.02 -11.82
N TYR A 144 17.88 -3.88 -11.13
CA TYR A 144 17.13 -3.67 -9.91
C TYR A 144 16.76 -2.19 -9.77
N PRO A 145 15.47 -1.86 -9.64
CA PRO A 145 14.35 -2.81 -9.66
C PRO A 145 14.13 -3.33 -11.08
N PRO A 146 13.71 -4.59 -11.23
CA PRO A 146 13.56 -5.14 -12.57
C PRO A 146 12.34 -4.63 -13.28
N ALA A 147 11.34 -4.16 -12.53
CA ALA A 147 10.12 -3.65 -13.13
C ALA A 147 9.51 -4.68 -14.07
N PHE A 148 9.29 -4.33 -15.33
CA PHE A 148 8.66 -5.24 -16.29
C PHE A 148 9.66 -6.08 -17.06
N TYR A 149 10.97 -5.93 -16.78
CA TYR A 149 11.98 -6.68 -17.50
C TYR A 149 11.98 -8.14 -17.06
N CYS A 150 11.94 -9.06 -18.03
CA CYS A 150 11.86 -10.50 -17.82
C CYS A 150 12.93 -11.26 -18.58
N GLY A 151 14.08 -10.63 -18.82
CA GLY A 151 15.20 -11.31 -19.41
C GLY A 151 15.24 -11.33 -20.92
N ASP A 152 14.36 -10.60 -21.60
CA ASP A 152 14.20 -10.76 -23.04
C ASP A 152 13.62 -9.49 -23.66
N GLY A 153 14.41 -8.42 -23.71
CA GLY A 153 13.91 -7.18 -24.28
C GLY A 153 12.67 -6.71 -23.54
N ASP A 154 11.66 -6.34 -24.32
CA ASP A 154 10.35 -5.91 -23.83
C ASP A 154 9.39 -7.05 -23.60
N ASN A 155 9.77 -8.27 -23.95
CA ASN A 155 8.85 -9.40 -23.82
C ASN A 155 8.68 -9.84 -22.36
N PHE A 156 7.42 -10.02 -21.95
CA PHE A 156 7.14 -10.60 -20.64
C PHE A 156 7.32 -12.11 -20.69
N HIS A 157 7.86 -12.65 -19.60
CA HIS A 157 7.91 -14.09 -19.37
C HIS A 157 7.54 -14.34 -17.93
N TYR A 158 6.98 -15.52 -17.66
CA TYR A 158 6.34 -15.79 -16.38
C TYR A 158 6.83 -17.11 -15.81
N GLU A 159 6.60 -17.28 -14.50
CA GLU A 159 6.96 -18.51 -13.80
C GLU A 159 5.70 -19.24 -13.34
N ASP A 160 5.73 -20.56 -13.47
CA ASP A 160 4.60 -21.41 -13.06
C ASP A 160 4.77 -21.76 -11.58
N VAL A 161 4.50 -20.74 -10.77
CA VAL A 161 4.59 -20.83 -9.32
C VAL A 161 3.23 -20.47 -8.74
N PRO A 162 2.46 -21.44 -8.29
CA PRO A 162 1.16 -21.10 -7.71
C PRO A 162 1.34 -20.18 -6.52
N LEU A 163 0.35 -19.30 -6.33
CA LEU A 163 0.46 -18.32 -5.27
C LEU A 163 0.70 -18.98 -3.92
N LEU A 164 0.10 -20.15 -3.69
CA LEU A 164 0.26 -20.76 -2.37
C LEU A 164 1.71 -21.13 -2.11
N GLU A 165 2.46 -21.49 -3.14
CA GLU A 165 3.88 -21.79 -2.93
CA GLU A 165 3.88 -21.78 -2.95
C GLU A 165 4.63 -20.55 -2.47
N THR A 166 4.38 -19.41 -3.10
CA THR A 166 4.98 -18.16 -2.65
C THR A 166 4.56 -17.85 -1.22
N TRP A 167 3.27 -18.03 -0.92
CA TRP A 167 2.77 -17.72 0.42
C TRP A 167 3.46 -18.56 1.49
N LYS A 168 3.68 -19.86 1.23
CA LYS A 168 4.34 -20.69 2.23
C LYS A 168 5.74 -20.17 2.51
N ALA A 169 6.41 -19.68 1.48
CA ALA A 169 7.71 -19.04 1.68
C ALA A 169 7.61 -17.79 2.52
N MET A 170 6.55 -16.99 2.32
CA MET A 170 6.36 -15.80 3.14
C MET A 170 6.12 -16.20 4.59
N GLU A 171 5.37 -17.27 4.79
CA GLU A 171 5.12 -17.79 6.14
C GLU A 171 6.43 -18.09 6.86
N LYS A 172 7.40 -18.69 6.17
CA LYS A 172 8.67 -19.01 6.81
C LYS A 172 9.40 -17.74 7.22
N LEU A 173 9.22 -16.63 6.51
CA LEU A 173 9.88 -15.38 6.88
C LEU A 173 9.43 -14.87 8.24
N THR A 174 8.19 -15.10 8.64
CA THR A 174 7.75 -14.60 9.95
C THR A 174 8.46 -15.31 11.09
N LYS A 175 8.89 -16.54 10.90
CA LYS A 175 9.47 -17.33 12.00
C LYS A 175 10.75 -16.69 12.49
N GLY A 176 11.64 -16.32 11.58
CA GLY A 176 12.85 -15.62 11.96
C GLY A 176 12.64 -14.17 12.36
N GLY A 177 11.39 -13.68 12.34
CA GLY A 177 11.11 -12.34 12.79
C GLY A 177 11.62 -11.21 11.91
N LYS A 178 12.29 -11.50 10.80
CA LYS A 178 12.74 -10.42 9.93
C LYS A 178 11.58 -9.74 9.20
N ALA A 179 10.44 -10.40 9.10
CA ALA A 179 9.19 -9.77 8.70
C ALA A 179 8.17 -10.07 9.79
N LYS A 180 7.78 -9.06 10.55
CA LYS A 180 6.91 -9.30 11.70
C LYS A 180 5.55 -9.79 11.26
N SER A 181 4.99 -9.19 10.20
CA SER A 181 3.73 -9.62 9.62
C SER A 181 3.89 -9.73 8.11
N ILE A 182 2.99 -10.51 7.51
CA ILE A 182 2.99 -10.76 6.08
C ILE A 182 1.57 -10.58 5.54
N GLY A 183 1.50 -10.28 4.25
CA GLY A 183 0.21 -10.04 3.62
C GLY A 183 0.31 -10.07 2.11
N ILE A 184 -0.75 -9.56 1.49
CA ILE A 184 -0.96 -9.67 0.05
C ILE A 184 -1.47 -8.33 -0.47
N SER A 185 -1.32 -8.12 -1.76
CA SER A 185 -1.80 -6.91 -2.39
C SER A 185 -2.35 -7.24 -3.78
N ASN A 186 -3.45 -6.60 -4.18
CA ASN A 186 -4.01 -6.73 -5.52
C ASN A 186 -4.53 -8.14 -5.79
N PHE A 187 -4.90 -8.86 -4.73
CA PHE A 187 -5.59 -10.15 -4.83
C PHE A 187 -7.10 -9.95 -4.77
N SER A 188 -7.80 -10.58 -5.70
CA SER A 188 -9.25 -10.60 -5.66
C SER A 188 -9.74 -11.49 -4.53
N ALA A 189 -11.01 -11.33 -4.19
CA ALA A 189 -11.52 -12.09 -3.05
C ALA A 189 -11.50 -13.58 -3.35
N ALA A 190 -11.78 -13.96 -4.60
CA ALA A 190 -11.73 -15.35 -4.99
C ALA A 190 -10.35 -15.95 -4.75
N LEU A 191 -9.28 -15.19 -5.07
CA LEU A 191 -7.92 -15.68 -4.81
C LEU A 191 -7.65 -15.82 -3.31
N ILE A 192 -8.09 -14.84 -2.53
CA ILE A 192 -7.91 -14.91 -1.08
C ILE A 192 -8.66 -16.10 -0.49
N TYR A 193 -9.89 -16.33 -0.95
CA TYR A 193 -10.68 -17.48 -0.50
C TYR A 193 -9.94 -18.79 -0.71
N ASP A 194 -9.28 -18.93 -1.87
CA ASP A 194 -8.51 -20.16 -2.12
C ASP A 194 -7.22 -20.17 -1.32
N LEU A 195 -6.56 -19.04 -1.21
CA LEU A 195 -5.28 -19.01 -0.50
C LEU A 195 -5.45 -19.46 0.95
N LEU A 196 -6.50 -18.98 1.61
CA LEU A 196 -6.71 -19.33 3.02
C LEU A 196 -6.92 -20.83 3.22
N ARG A 197 -7.32 -21.55 2.17
CA ARG A 197 -7.44 -23.00 2.28
C ARG A 197 -6.10 -23.69 2.51
N GLY A 198 -5.01 -23.06 2.09
CA GLY A 198 -3.70 -23.66 2.18
C GLY A 198 -2.83 -22.96 3.20
N ALA A 199 -3.31 -21.83 3.75
CA ALA A 199 -2.48 -21.00 4.61
C ALA A 199 -2.44 -21.52 6.03
N GLU A 200 -1.23 -21.58 6.59
CA GLU A 200 -1.06 -21.79 8.03
C GLU A 200 -1.21 -20.48 8.78
N ILE A 201 -0.75 -19.38 8.18
CA ILE A 201 -0.79 -18.04 8.73
C ILE A 201 -1.64 -17.21 7.78
N LYS A 202 -2.78 -16.71 8.26
CA LYS A 202 -3.60 -15.87 7.43
C LYS A 202 -2.86 -14.57 7.11
N PRO A 203 -3.07 -13.99 5.93
CA PRO A 203 -2.51 -12.66 5.66
C PRO A 203 -2.98 -11.71 6.74
N ALA A 204 -2.08 -10.82 7.15
CA ALA A 204 -2.44 -9.79 8.11
C ALA A 204 -3.15 -8.63 7.44
N VAL A 205 -2.79 -8.35 6.19
CA VAL A 205 -3.18 -7.16 5.45
C VAL A 205 -3.42 -7.53 3.99
N LEU A 206 -4.47 -6.95 3.41
CA LEU A 206 -4.65 -6.84 1.97
C LEU A 206 -4.56 -5.36 1.59
N GLN A 207 -3.70 -5.03 0.64
CA GLN A 207 -3.58 -3.68 0.11
C GLN A 207 -4.11 -3.63 -1.32
N ILE A 208 -5.06 -2.73 -1.58
CA ILE A 208 -5.76 -2.67 -2.86
C ILE A 208 -6.04 -1.23 -3.25
N GLU A 209 -6.17 -0.99 -4.55
CA GLU A 209 -6.72 0.27 -5.05
C GLU A 209 -8.12 0.49 -4.48
N HIS A 210 -8.33 1.67 -3.90
CA HIS A 210 -9.60 1.89 -3.20
C HIS A 210 -9.87 3.38 -3.10
N HIS A 211 -10.98 3.79 -3.67
CA HIS A 211 -11.40 5.18 -3.76
C HIS A 211 -12.87 5.16 -4.18
N PRO A 212 -13.55 6.30 -4.18
CA PRO A 212 -14.99 6.27 -4.42
C PRO A 212 -15.39 5.81 -5.80
N TYR A 213 -14.48 5.78 -6.77
CA TYR A 213 -14.82 5.27 -8.09
C TYR A 213 -14.66 3.76 -8.18
N LEU A 214 -14.02 3.14 -7.17
CA LEU A 214 -13.76 1.70 -7.16
C LEU A 214 -13.89 1.23 -5.70
N GLN A 215 -15.12 0.92 -5.29
CA GLN A 215 -15.40 0.65 -3.88
C GLN A 215 -15.41 -0.84 -3.53
N GLN A 216 -15.49 -1.72 -4.51
CA GLN A 216 -15.50 -3.18 -4.31
C GLN A 216 -16.06 -3.58 -2.95
N PRO A 217 -17.31 -3.24 -2.64
CA PRO A 217 -17.80 -3.42 -1.26
C PRO A 217 -17.83 -4.87 -0.79
N ARG A 218 -18.17 -5.82 -1.65
CA ARG A 218 -18.20 -7.20 -1.19
C ARG A 218 -16.81 -7.74 -0.93
N LEU A 219 -15.80 -7.28 -1.66
CA LEU A 219 -14.43 -7.61 -1.33
C LEU A 219 -14.06 -7.08 0.06
N ILE A 220 -14.39 -5.81 0.33
CA ILE A 220 -14.12 -5.24 1.64
C ILE A 220 -14.80 -6.07 2.73
N GLU A 221 -16.08 -6.39 2.52
CA GLU A 221 -16.84 -7.10 3.55
CA GLU A 221 -16.86 -7.11 3.54
C GLU A 221 -16.26 -8.48 3.82
N TYR A 222 -16.01 -9.27 2.76
CA TYR A 222 -15.47 -10.61 2.95
C TYR A 222 -14.11 -10.56 3.66
N VAL A 223 -13.23 -9.68 3.21
CA VAL A 223 -11.87 -9.66 3.75
C VAL A 223 -11.86 -9.22 5.20
N GLN A 224 -12.62 -8.16 5.54
CA GLN A 224 -12.66 -7.73 6.93
C GLN A 224 -13.31 -8.79 7.82
N SER A 225 -14.28 -9.54 7.28
CA SER A 225 -14.91 -10.62 8.06
CA SER A 225 -14.90 -10.61 8.06
C SER A 225 -13.92 -11.71 8.40
N GLN A 226 -12.82 -11.80 7.68
CA GLN A 226 -11.76 -12.76 7.96
C GLN A 226 -10.74 -12.25 8.96
N GLY A 227 -10.92 -11.04 9.49
CA GLY A 227 -9.94 -10.46 10.38
C GLY A 227 -8.69 -9.95 9.69
N ILE A 228 -8.77 -9.77 8.39
CA ILE A 228 -7.66 -9.25 7.60
C ILE A 228 -7.85 -7.74 7.50
N ALA A 229 -6.80 -6.98 7.82
CA ALA A 229 -6.85 -5.54 7.68
C ALA A 229 -6.68 -5.16 6.21
N ILE A 230 -7.26 -4.01 5.85
CA ILE A 230 -7.20 -3.51 4.50
C ILE A 230 -6.48 -2.16 4.50
N THR A 231 -5.55 -2.00 3.56
CA THR A 231 -4.89 -0.74 3.27
C THR A 231 -5.31 -0.31 1.88
N ALA A 232 -5.86 0.90 1.78
CA ALA A 232 -6.18 1.50 0.51
C ALA A 232 -4.97 2.17 -0.13
N TYR A 233 -4.88 2.05 -1.45
CA TYR A 233 -3.96 2.89 -2.21
C TYR A 233 -4.71 3.64 -3.31
N SER A 234 -4.07 4.71 -3.77
CA SER A 234 -4.65 5.64 -4.72
C SER A 234 -6.00 6.15 -4.20
N SER A 235 -6.03 6.60 -2.94
CA SER A 235 -7.25 7.14 -2.33
C SER A 235 -7.78 8.37 -3.04
N PHE A 236 -6.93 9.08 -3.78
CA PHE A 236 -7.36 10.21 -4.59
C PHE A 236 -7.69 9.79 -6.01
N GLY A 237 -7.96 8.51 -6.23
CA GLY A 237 -8.41 8.07 -7.52
C GLY A 237 -7.40 8.37 -8.63
N PRO A 238 -7.84 9.12 -9.64
CA PRO A 238 -7.01 9.33 -10.83
C PRO A 238 -5.78 10.21 -10.60
N GLN A 239 -5.72 10.93 -9.47
CA GLN A 239 -4.72 11.99 -9.33
C GLN A 239 -3.29 11.47 -9.45
N SER A 240 -3.01 10.34 -8.80
CA SER A 240 -1.66 9.79 -8.79
C SER A 240 -1.15 9.53 -10.19
N PHE A 241 -2.07 9.28 -11.12
CA PHE A 241 -1.74 8.79 -12.46
C PHE A 241 -1.65 9.89 -13.51
N LEU A 242 -2.06 11.12 -13.20
CA LEU A 242 -2.00 12.20 -14.18
C LEU A 242 -0.58 12.47 -14.66
N GLU A 243 0.39 12.50 -13.73
CA GLU A 243 1.78 12.77 -14.11
C GLU A 243 2.33 11.72 -15.08
N LEU A 244 1.75 10.53 -15.10
CA LEU A 244 2.15 9.47 -16.02
C LEU A 244 1.37 9.50 -17.32
N LYS A 245 0.48 10.48 -17.49
CA LYS A 245 -0.33 10.65 -18.71
C LYS A 245 -1.21 9.43 -18.96
N HIS A 246 -1.63 8.78 -17.88
CA HIS A 246 -2.64 7.72 -17.91
C HIS A 246 -3.88 8.29 -18.59
N SER A 247 -4.22 7.77 -19.77
CA SER A 247 -5.26 8.43 -20.56
C SER A 247 -6.60 8.38 -19.83
N LYS A 248 -6.91 7.27 -19.16
CA LYS A 248 -8.19 7.17 -18.47
C LYS A 248 -8.23 8.15 -17.30
N ALA A 249 -7.13 8.26 -16.54
CA ALA A 249 -7.11 9.20 -15.44
C ALA A 249 -7.24 10.64 -15.95
N LEU A 250 -6.64 10.93 -17.11
CA LEU A 250 -6.71 12.28 -17.66
C LEU A 250 -8.14 12.66 -17.99
N ASP A 251 -8.98 11.68 -18.36
CA ASP A 251 -10.38 11.88 -18.77
C ASP A 251 -11.37 11.74 -17.62
N THR A 252 -10.90 11.49 -16.37
CA THR A 252 -11.82 11.22 -15.26
C THR A 252 -12.05 12.48 -14.45
N PRO A 253 -13.30 12.89 -14.21
CA PRO A 253 -13.55 14.04 -13.31
C PRO A 253 -12.85 13.86 -11.98
N THR A 254 -12.07 14.86 -11.59
CA THR A 254 -11.34 14.78 -10.34
C THR A 254 -12.31 14.58 -9.17
N LEU A 255 -11.92 13.71 -8.23
CA LEU A 255 -12.67 13.58 -6.99
C LEU A 255 -12.62 14.86 -6.17
N PHE A 256 -11.60 15.70 -6.36
CA PHE A 256 -11.44 16.91 -5.55
C PHE A 256 -12.50 17.95 -5.87
N GLU A 257 -13.10 17.89 -7.06
CA GLU A 257 -14.10 18.84 -7.49
C GLU A 257 -15.46 18.21 -7.65
N HIS A 258 -15.60 16.92 -7.31
CA HIS A 258 -16.87 16.24 -7.45
C HIS A 258 -17.85 16.77 -6.41
N LYS A 259 -19.05 17.12 -6.86
CA LYS A 259 -20.01 17.80 -6.00
C LYS A 259 -20.38 16.98 -4.77
N THR A 260 -20.46 15.65 -4.89
CA THR A 260 -20.76 14.86 -3.70
C THR A 260 -19.69 15.04 -2.64
N ILE A 261 -18.44 15.13 -3.06
CA ILE A 261 -17.32 15.23 -2.15
C ILE A 261 -17.20 16.64 -1.62
N THR A 262 -17.29 17.64 -2.50
CA THR A 262 -17.12 19.01 -2.05
C THR A 262 -18.24 19.43 -1.10
N SER A 263 -19.46 18.93 -1.31
CA SER A 263 -20.55 19.31 -0.43
C SER A 263 -20.36 18.69 0.96
N ILE A 264 -19.78 17.50 1.03
CA ILE A 264 -19.44 16.91 2.32
C ILE A 264 -18.30 17.67 2.96
N ALA A 265 -17.25 17.99 2.20
CA ALA A 265 -16.16 18.79 2.72
C ALA A 265 -16.65 20.12 3.27
N ASP A 266 -17.64 20.73 2.61
CA ASP A 266 -18.20 22.02 3.05
C ASP A 266 -18.85 21.93 4.43
N LYS A 267 -19.29 20.75 4.84
CA LYS A 267 -19.98 20.61 6.11
C LYS A 267 -19.01 20.66 7.28
N TYR A 268 -17.78 20.22 7.06
CA TYR A 268 -16.84 19.97 8.16
C TYR A 268 -15.64 20.89 8.15
N LYS A 269 -15.60 21.87 7.25
CA LYS A 269 -14.44 22.75 7.10
C LYS A 269 -13.19 21.91 6.86
N LYS A 270 -13.34 20.91 6.02
CA LYS A 270 -12.23 20.05 5.60
C LYS A 270 -12.05 20.19 4.09
N THR A 271 -10.87 19.84 3.61
CA THR A 271 -10.68 19.82 2.17
C THR A 271 -11.31 18.57 1.57
N PRO A 272 -11.64 18.58 0.27
CA PRO A 272 -12.08 17.35 -0.38
C PRO A 272 -11.09 16.20 -0.16
N ALA A 273 -9.79 16.48 -0.24
CA ALA A 273 -8.81 15.42 -0.04
C ALA A 273 -8.96 14.79 1.35
N GLN A 274 -9.24 15.60 2.37
CA GLN A 274 -9.39 15.09 3.72
C GLN A 274 -10.64 14.20 3.85
N VAL A 275 -11.74 14.56 3.18
CA VAL A 275 -12.94 13.72 3.12
C VAL A 275 -12.63 12.40 2.44
N LEU A 276 -11.89 12.45 1.33
CA LEU A 276 -11.57 11.22 0.61
C LEU A 276 -10.74 10.25 1.46
N LEU A 277 -9.83 10.78 2.27
CA LEU A 277 -9.01 9.93 3.13
C LEU A 277 -9.80 9.41 4.32
N ARG A 278 -10.55 10.30 4.98
CA ARG A 278 -11.31 9.88 6.14
C ARG A 278 -12.40 8.87 5.76
N TRP A 279 -12.94 8.98 4.54
CA TRP A 279 -13.92 8.01 4.07
C TRP A 279 -13.42 6.58 4.20
N ALA A 280 -12.12 6.39 3.95
CA ALA A 280 -11.48 5.10 4.16
C ALA A 280 -11.18 4.84 5.63
N SER A 281 -10.48 5.75 6.31
CA SER A 281 -9.95 5.39 7.62
C SER A 281 -11.08 5.23 8.66
N GLN A 282 -12.17 5.98 8.50
CA GLN A 282 -13.33 5.81 9.39
C GLN A 282 -13.96 4.44 9.25
N ARG A 283 -13.73 3.74 8.15
CA ARG A 283 -14.18 2.38 7.97
C ARG A 283 -13.10 1.36 8.31
N ASP A 284 -12.07 1.78 9.06
CA ASP A 284 -10.96 0.93 9.47
C ASP A 284 -10.13 0.44 8.28
N ILE A 285 -10.17 1.17 7.19
CA ILE A 285 -9.30 0.93 6.05
C ILE A 285 -8.12 1.89 6.16
N ALA A 286 -6.91 1.35 6.32
CA ALA A 286 -5.74 2.20 6.48
C ALA A 286 -5.43 2.95 5.20
N ILE A 287 -4.79 4.10 5.35
CA ILE A 287 -4.47 4.96 4.22
C ILE A 287 -2.99 5.32 4.24
N ILE A 288 -2.47 5.61 3.05
CA ILE A 288 -1.06 5.85 2.80
C ILE A 288 -0.92 6.95 1.74
N PRO A 289 -1.52 8.11 1.97
CA PRO A 289 -1.42 9.22 1.01
C PRO A 289 0.04 9.60 0.77
N LYS A 290 0.34 9.91 -0.49
CA LYS A 290 1.68 10.25 -0.93
C LYS A 290 1.76 11.72 -1.27
N SER A 291 2.87 12.35 -0.87
CA SER A 291 3.10 13.72 -1.32
C SER A 291 4.60 14.00 -1.25
N ASN A 292 5.12 14.59 -2.31
CA ASN A 292 6.43 15.23 -2.26
C ASN A 292 6.34 16.62 -1.68
N ASN A 293 5.14 17.12 -1.42
CA ASN A 293 4.93 18.49 -0.97
C ASN A 293 4.88 18.55 0.55
N PRO A 294 5.83 19.22 1.21
CA PRO A 294 5.79 19.26 2.68
C PRO A 294 4.58 20.03 3.25
N ASP A 295 3.78 20.73 2.45
CA ASP A 295 2.63 21.46 2.99
C ASP A 295 1.36 20.61 3.08
N ARG A 296 1.13 19.66 2.16
CA ARG A 296 -0.02 18.76 2.27
C ARG A 296 0.27 17.57 3.16
N LEU A 297 1.54 17.37 3.49
CA LEU A 297 1.96 16.35 4.43
C LEU A 297 1.14 16.39 5.71
N LEU A 298 0.94 17.59 6.26
CA LEU A 298 0.28 17.69 7.55
C LEU A 298 -1.22 17.51 7.41
N GLN A 299 -1.81 18.12 6.39
CA GLN A 299 -3.24 17.97 6.12
C GLN A 299 -3.61 16.51 5.92
N ASN A 300 -2.71 15.72 5.31
CA ASN A 300 -3.01 14.31 5.06
C ASN A 300 -2.88 13.45 6.31
N LEU A 301 -2.10 13.92 7.29
CA LEU A 301 -1.95 13.22 8.56
C LEU A 301 -3.13 13.46 9.49
N GLU A 302 -3.74 14.64 9.40
CA GLU A 302 -4.77 15.07 10.33
C GLU A 302 -6.13 14.95 9.67
N VAL A 303 -6.56 13.70 9.53
CA VAL A 303 -7.84 13.40 8.89
C VAL A 303 -8.80 12.68 9.82
N ASN A 304 -8.34 12.20 10.98
CA ASN A 304 -9.15 11.35 11.85
C ASN A 304 -9.85 12.12 12.95
N ASP A 305 -9.81 13.45 12.92
CA ASP A 305 -10.42 14.23 14.00
C ASP A 305 -11.78 14.77 13.60
N PHE A 306 -12.38 14.22 12.54
CA PHE A 306 -13.76 14.48 12.22
C PHE A 306 -14.36 13.19 11.69
N ASN A 307 -15.70 13.13 11.68
CA ASN A 307 -16.43 11.93 11.29
C ASN A 307 -17.43 12.28 10.19
N LEU A 308 -17.47 11.44 9.15
CA LEU A 308 -18.53 11.51 8.17
C LEU A 308 -19.80 10.90 8.77
N SER A 309 -20.94 11.36 8.27
CA SER A 309 -22.22 10.85 8.71
C SER A 309 -22.63 9.62 7.91
N LYS A 310 -23.62 8.91 8.45
CA LYS A 310 -24.19 7.79 7.70
C LYS A 310 -24.73 8.23 6.34
N GLU A 311 -25.38 9.40 6.27
CA GLU A 311 -25.85 9.89 4.98
C GLU A 311 -24.69 10.19 4.03
N ASP A 312 -23.57 10.68 4.56
CA ASP A 312 -22.41 10.92 3.71
C ASP A 312 -21.90 9.63 3.07
N PHE A 313 -21.84 8.54 3.86
CA PHE A 313 -21.41 7.27 3.28
C PHE A 313 -22.40 6.83 2.22
N ASP A 314 -23.69 6.98 2.49
CA ASP A 314 -24.70 6.66 1.48
C ASP A 314 -24.45 7.43 0.19
N GLU A 315 -24.14 8.72 0.31
CA GLU A 315 -23.95 9.52 -0.88
C GLU A 315 -22.67 9.13 -1.61
N ILE A 316 -21.58 8.88 -0.86
CA ILE A 316 -20.33 8.53 -1.52
C ILE A 316 -20.45 7.16 -2.17
N SER A 317 -21.27 6.28 -1.59
CA SER A 317 -21.47 4.95 -2.14
C SER A 317 -21.95 5.02 -3.59
N LYS A 318 -22.75 6.04 -3.93
CA LYS A 318 -23.30 6.17 -5.27
C LYS A 318 -22.25 6.43 -6.34
N LEU A 319 -21.05 6.84 -5.96
CA LEU A 319 -20.01 7.14 -6.92
C LEU A 319 -19.35 5.89 -7.48
N ASP A 320 -19.59 4.72 -6.91
CA ASP A 320 -18.88 3.52 -7.35
C ASP A 320 -19.21 3.25 -8.81
N GLN A 321 -18.18 3.09 -9.62
CA GLN A 321 -18.40 2.75 -11.03
C GLN A 321 -17.43 1.68 -11.51
N ASP A 322 -16.80 0.96 -10.58
CA ASP A 322 -15.77 -0.03 -10.93
C ASP A 322 -14.73 0.54 -11.89
N LEU A 323 -14.23 1.72 -11.56
CA LEU A 323 -13.25 2.38 -12.40
C LEU A 323 -11.89 2.12 -11.77
N ARG A 324 -11.10 1.26 -12.40
CA ARG A 324 -9.80 0.83 -11.92
C ARG A 324 -8.70 1.45 -12.76
N PHE A 325 -7.81 2.20 -12.13
CA PHE A 325 -6.68 2.83 -12.82
C PHE A 325 -5.44 1.94 -12.90
N ASN A 326 -5.17 1.11 -11.89
CA ASN A 326 -3.94 0.34 -11.81
C ASN A 326 -4.27 -1.09 -12.18
N ASN A 327 -4.32 -1.36 -13.48
CA ASN A 327 -4.78 -2.66 -13.95
C ASN A 327 -3.69 -3.34 -14.76
N PRO A 328 -3.09 -4.42 -14.25
CA PRO A 328 -2.04 -5.09 -15.02
C PRO A 328 -2.49 -5.60 -16.39
N TRP A 329 -3.80 -5.65 -16.68
CA TRP A 329 -4.25 -5.99 -18.04
C TRP A 329 -3.50 -5.19 -19.09
N ASP A 330 -3.16 -3.94 -18.79
CA ASP A 330 -2.56 -3.05 -19.77
C ASP A 330 -1.05 -3.24 -19.92
N TRP A 331 -0.41 -4.08 -19.09
CA TRP A 331 1.05 -4.19 -19.13
C TRP A 331 1.51 -4.97 -20.35
N ASP A 332 0.98 -6.16 -20.54
CA ASP A 332 1.48 -7.16 -21.49
C ASP A 332 0.39 -7.35 -22.55
N THR A 333 0.60 -6.77 -23.73
CA THR A 333 -0.42 -6.89 -24.78
C THR A 333 -0.37 -8.21 -25.53
N LYS A 334 0.65 -9.05 -25.32
CA LYS A 334 0.73 -10.36 -25.95
C LYS A 334 0.06 -11.45 -25.11
N ASN A 335 0.25 -11.40 -23.80
CA ASN A 335 -0.32 -12.33 -22.84
C ASN A 335 -1.09 -11.51 -21.79
N ARG A 336 -2.38 -11.26 -21.99
CA ARG A 336 -3.09 -10.35 -21.11
C ARG A 336 -3.14 -10.90 -19.69
N ILE A 337 -2.77 -10.08 -18.73
CA ILE A 337 -2.75 -10.45 -17.31
C ILE A 337 -4.15 -10.23 -16.72
N PRO A 338 -4.86 -11.30 -16.39
CA PRO A 338 -6.31 -11.19 -16.18
C PRO A 338 -6.73 -11.13 -14.72
N ILE A 339 -5.86 -10.65 -13.84
CA ILE A 339 -6.12 -10.79 -12.41
C ILE A 339 -7.34 -10.01 -11.93
N PHE A 340 -7.79 -9.01 -12.70
CA PHE A 340 -8.99 -8.26 -12.34
C PHE A 340 -10.11 -8.45 -13.34
N ALA A 341 -9.95 -9.32 -14.32
CA ALA A 341 -11.03 -9.56 -15.30
C ALA A 341 -12.21 -10.23 -14.64
PA NDP B . -2.44 9.13 -3.89
O1A NDP B . -3.83 8.67 -4.19
O2A NDP B . -1.89 9.19 -2.49
O5B NDP B . -2.46 10.65 -4.52
C5B NDP B . -1.13 11.10 -4.71
C4B NDP B . -1.32 12.38 -5.62
O4B NDP B . -2.18 13.29 -4.99
C3B NDP B . 0.03 13.10 -5.98
O3B NDP B . -0.11 13.66 -7.27
C2B NDP B . 0.12 14.26 -4.98
O2B NDP B . 0.70 15.37 -5.50
C1B NDP B . -1.43 14.53 -4.80
N9A NDP B . -1.81 14.93 -3.43
C8A NDP B . -1.29 14.45 -2.23
N7A NDP B . -1.87 14.99 -1.15
C5A NDP B . -2.85 15.87 -1.70
C6A NDP B . -3.78 16.74 -1.10
N6A NDP B . -3.89 16.84 0.27
N1A NDP B . -4.64 17.50 -1.86
C2A NDP B . -4.49 17.34 -3.22
N3A NDP B . -3.64 16.58 -3.94
C4A NDP B . -2.81 15.84 -3.13
O3 NDP B . -1.53 8.28 -5.01
PN NDP B . -0.64 6.97 -4.74
O1N NDP B . -0.97 6.16 -5.94
O2N NDP B . 0.82 7.27 -4.47
O5D NDP B . -1.14 5.91 -3.49
C5D NDP B . -0.46 6.17 -2.33
C4D NDP B . 0.51 5.07 -1.98
O4D NDP B . -0.12 3.76 -2.12
C3D NDP B . 1.70 5.00 -2.94
O3D NDP B . 2.64 6.04 -2.64
C2D NDP B . 2.22 3.65 -2.55
O2D NDP B . 2.86 3.67 -1.28
C1D NDP B . 0.91 2.81 -2.41
N1N NDP B . 0.55 2.11 -3.70
C2N NDP B . 0.45 0.72 -3.74
C3N NDP B . 0.43 0.04 -4.92
C7N NDP B . 0.25 -1.42 -4.91
O7N NDP B . 0.19 -2.11 -5.95
N7N NDP B . 0.11 -2.06 -3.68
C4N NDP B . 0.55 0.74 -6.20
C5N NDP B . 0.07 2.18 -6.03
C6N NDP B . 0.11 2.82 -4.85
P2B NDP B . 2.23 16.01 -4.61
O1X NDP B . 1.54 16.49 -3.37
O2X NDP B . 3.12 14.77 -4.54
O3X NDP B . 2.61 17.06 -5.62
H51A NDP B . -0.56 10.44 -5.09
H52A NDP B . -0.74 11.38 -3.86
H4B NDP B . -1.78 12.09 -6.44
H3B NDP B . 0.81 12.53 -5.90
HO3A NDP B . 0.56 13.38 -7.72
H2B NDP B . 0.47 13.91 -4.15
H1B NDP B . -1.75 15.23 -5.40
H8A NDP B . -0.60 13.82 -2.21
H61A NDP B . -4.56 17.25 0.62
H62A NDP B . -3.29 16.47 0.78
H2A NDP B . -5.07 17.88 -3.72
H51N NDP B . -1.09 6.25 -1.60
H52N NDP B . -0.02 7.03 -2.35
H4D NDP B . 0.79 5.20 -1.05
H3D NDP B . 1.40 5.01 -3.87
HO3N NDP B . 2.47 6.66 -3.20
H2D NDP B . 2.81 3.28 -3.23
HO2N NDP B . 3.70 3.68 -1.44
H1D NDP B . 0.95 2.15 -1.70
H2N NDP B . 0.35 0.28 -2.93
H71N NDP B . -0.01 -2.92 -3.66
H72N NDP B . 0.14 -1.63 -2.94
H41N NDP B . 0.02 0.29 -6.87
H5N NDP B . -0.21 2.63 -6.78
H6N NDP B . -0.19 3.70 -4.73
S1 DTT C . 2.26 0.38 -6.60
C1 DTT C . 2.17 1.13 -8.27
C2 DTT C . 2.27 0.10 -9.39
O2 DTT C . 1.54 -1.06 -9.01
C3 DTT C . 3.73 -0.27 -9.68
O3 DTT C . 4.36 -0.75 -8.50
C4 DTT C . 3.80 -1.32 -10.81
S4 DTT C . 3.37 -0.68 -12.46
#